data_3OVJ
# 
_entry.id   3OVJ 
# 
_audit_conform.dict_name       mmcif_pdbx.dic 
_audit_conform.dict_version    5.387 
_audit_conform.dict_location   http://mmcif.pdb.org/dictionaries/ascii/mmcif_pdbx.dic 
# 
loop_
_database_2.database_id 
_database_2.database_code 
_database_2.pdbx_database_accession 
_database_2.pdbx_DOI 
PDB   3OVJ         pdb_00003ovj 10.2210/pdb3ovj/pdb 
RCSB  RCSB061626   ?            ?                   
WWPDB D_1000061626 ?            ?                   
# 
loop_
_pdbx_audit_revision_history.ordinal 
_pdbx_audit_revision_history.data_content_type 
_pdbx_audit_revision_history.major_revision 
_pdbx_audit_revision_history.minor_revision 
_pdbx_audit_revision_history.revision_date 
1 'Structure model' 1 0 2011-07-06 
2 'Structure model' 1 1 2011-07-13 
3 'Structure model' 1 2 2024-02-21 
# 
_pdbx_audit_revision_details.ordinal             1 
_pdbx_audit_revision_details.revision_ordinal    1 
_pdbx_audit_revision_details.data_content_type   'Structure model' 
_pdbx_audit_revision_details.provider            repository 
_pdbx_audit_revision_details.type                'Initial release' 
_pdbx_audit_revision_details.description         ? 
_pdbx_audit_revision_details.details             ? 
# 
loop_
_pdbx_audit_revision_group.ordinal 
_pdbx_audit_revision_group.revision_ordinal 
_pdbx_audit_revision_group.data_content_type 
_pdbx_audit_revision_group.group 
1 2 'Structure model' 'Version format compliance' 
2 3 'Structure model' 'Data collection'           
3 3 'Structure model' 'Database references'       
4 3 'Structure model' 'Derived calculations'      
# 
loop_
_pdbx_audit_revision_category.ordinal 
_pdbx_audit_revision_category.revision_ordinal 
_pdbx_audit_revision_category.data_content_type 
_pdbx_audit_revision_category.category 
1 3 'Structure model' chem_comp_atom 
2 3 'Structure model' chem_comp_bond 
3 3 'Structure model' database_2     
4 3 'Structure model' struct_site    
# 
loop_
_pdbx_audit_revision_item.ordinal 
_pdbx_audit_revision_item.revision_ordinal 
_pdbx_audit_revision_item.data_content_type 
_pdbx_audit_revision_item.item 
1 3 'Structure model' '_database_2.pdbx_DOI'                
2 3 'Structure model' '_database_2.pdbx_database_accession' 
3 3 'Structure model' '_struct_site.pdbx_auth_asym_id'      
4 3 'Structure model' '_struct_site.pdbx_auth_comp_id'      
5 3 'Structure model' '_struct_site.pdbx_auth_seq_id'       
# 
_pdbx_database_status.entry_id                        3OVJ 
_pdbx_database_status.status_code                     REL 
_pdbx_database_status.deposit_site                    RCSB 
_pdbx_database_status.process_site                    RCSB 
_pdbx_database_status.recvd_initial_deposition_date   2010-09-16 
_pdbx_database_status.status_code_sf                  REL 
_pdbx_database_status.status_code_mr                  ? 
_pdbx_database_status.SG_entry                        ? 
_pdbx_database_status.status_code_cs                  ? 
_pdbx_database_status.pdb_format_compatible           Y 
_pdbx_database_status.status_code_nmr_data            ? 
_pdbx_database_status.methods_development_category    ? 
# 
_pdbx_database_related.db_name        PDB 
_pdbx_database_related.db_id          3OW9 
_pdbx_database_related.details        'Structure of an amyloid forming peptide KLVFFA from amyloid beta, alternate polymorph II' 
_pdbx_database_related.content_type   unspecified 
# 
loop_
_audit_author.name 
_audit_author.pdbx_ordinal 
'Landau, M.'    1 
'Eisenberg, D.' 2 
# 
_citation.id                        primary 
_citation.title                     'Towards a pharmacophore for amyloid.' 
_citation.journal_abbrev            'Plos Biol.' 
_citation.journal_volume            9 
_citation.page_first                e1001080 
_citation.page_last                 e1001080 
_citation.year                      2011 
_citation.journal_id_ASTM           ? 
_citation.country                   US 
_citation.journal_id_ISSN           1544-9173 
_citation.journal_id_CSD            ? 
_citation.book_publisher            ? 
_citation.pdbx_database_id_PubMed   21695112 
_citation.pdbx_database_id_DOI      10.1371/journal.pbio.1001080 
# 
loop_
_citation_author.citation_id 
_citation_author.name 
_citation_author.ordinal 
_citation_author.identifier_ORCID 
primary 'Landau, M.'     1 ? 
primary 'Sawaya, M.R.'   2 ? 
primary 'Faull, K.F.'    3 ? 
primary 'Laganowsky, A.' 4 ? 
primary 'Jiang, L.'      5 ? 
primary 'Sievers, S.A.'  6 ? 
primary 'Liu, J.'        7 ? 
primary 'Barrio, J.R.'   8 ? 
primary 'Eisenberg, D.'  9 ? 
# 
loop_
_entity.id 
_entity.type 
_entity.src_method 
_entity.pdbx_description 
_entity.formula_weight 
_entity.pdbx_number_of_molecules 
_entity.pdbx_ec 
_entity.pdbx_mutation 
_entity.pdbx_fragment 
_entity.details 
1 polymer     syn 'KLVFFA hexapeptide segment from Amyloid beta'                    724.909 4  ? ? 'KLVFFA (UNP residues 687-692)' 
? 
2 non-polymer syn '7-hydroxy-8-[(E)-phenyldiazenyl]naphthalene-1,3-disulfonic acid' 408.406 2  ? ? ?                               
? 
3 water       nat water                                                             18.015  11 ? ? ?                               
? 
# 
_entity_poly.entity_id                      1 
_entity_poly.type                           'polypeptide(L)' 
_entity_poly.nstd_linkage                   no 
_entity_poly.nstd_monomer                   no 
_entity_poly.pdbx_seq_one_letter_code       KLVFFA 
_entity_poly.pdbx_seq_one_letter_code_can   KLVFFA 
_entity_poly.pdbx_strand_id                 A,B,C,D 
_entity_poly.pdbx_target_identifier         ? 
# 
loop_
_pdbx_entity_nonpoly.entity_id 
_pdbx_entity_nonpoly.name 
_pdbx_entity_nonpoly.comp_id 
2 '7-hydroxy-8-[(E)-phenyldiazenyl]naphthalene-1,3-disulfonic acid' ORA 
3 water                                                             HOH 
# 
loop_
_entity_poly_seq.entity_id 
_entity_poly_seq.num 
_entity_poly_seq.mon_id 
_entity_poly_seq.hetero 
1 1 LYS n 
1 2 LEU n 
1 3 VAL n 
1 4 PHE n 
1 5 PHE n 
1 6 ALA n 
# 
_pdbx_entity_src_syn.entity_id              1 
_pdbx_entity_src_syn.pdbx_src_id            1 
_pdbx_entity_src_syn.pdbx_alt_source_flag   sample 
_pdbx_entity_src_syn.pdbx_beg_seq_num       ? 
_pdbx_entity_src_syn.pdbx_end_seq_num       ? 
_pdbx_entity_src_syn.organism_scientific    ? 
_pdbx_entity_src_syn.organism_common_name   ? 
_pdbx_entity_src_syn.ncbi_taxonomy_id       32630 
_pdbx_entity_src_syn.details                'KLVFFA (residues 16-21) from Amyloid beta, synthesized' 
# 
loop_
_chem_comp.id 
_chem_comp.type 
_chem_comp.mon_nstd_flag 
_chem_comp.name 
_chem_comp.pdbx_synonyms 
_chem_comp.formula 
_chem_comp.formula_weight 
ALA 'L-peptide linking' y ALANINE                                                           ?          'C3 H7 N O2'       89.093  
HOH non-polymer         . WATER                                                             ?          'H2 O'             18.015  
LEU 'L-peptide linking' y LEUCINE                                                           ?          'C6 H13 N O2'      131.173 
LYS 'L-peptide linking' y LYSINE                                                            ?          'C6 H15 N2 O2 1'   147.195 
ORA non-polymer         . '7-hydroxy-8-[(E)-phenyldiazenyl]naphthalene-1,3-disulfonic acid' 'Orange G' 'C16 H12 N2 O7 S2' 408.406 
PHE 'L-peptide linking' y PHENYLALANINE                                                     ?          'C9 H11 N O2'      165.189 
VAL 'L-peptide linking' y VALINE                                                            ?          'C5 H11 N O2'      117.146 
# 
loop_
_pdbx_poly_seq_scheme.asym_id 
_pdbx_poly_seq_scheme.entity_id 
_pdbx_poly_seq_scheme.seq_id 
_pdbx_poly_seq_scheme.mon_id 
_pdbx_poly_seq_scheme.ndb_seq_num 
_pdbx_poly_seq_scheme.pdb_seq_num 
_pdbx_poly_seq_scheme.auth_seq_num 
_pdbx_poly_seq_scheme.pdb_mon_id 
_pdbx_poly_seq_scheme.auth_mon_id 
_pdbx_poly_seq_scheme.pdb_strand_id 
_pdbx_poly_seq_scheme.pdb_ins_code 
_pdbx_poly_seq_scheme.hetero 
A 1 1 LYS 1 1 1 LYS LYS A . n 
A 1 2 LEU 2 2 2 LEU LEU A . n 
A 1 3 VAL 3 3 3 VAL VAL A . n 
A 1 4 PHE 4 4 4 PHE PHE A . n 
A 1 5 PHE 5 5 5 PHE PHE A . n 
A 1 6 ALA 6 6 6 ALA ALA A . n 
B 1 1 LYS 1 1 1 LYS LYS B . n 
B 1 2 LEU 2 2 2 LEU LEU B . n 
B 1 3 VAL 3 3 3 VAL VAL B . n 
B 1 4 PHE 4 4 4 PHE PHE B . n 
B 1 5 PHE 5 5 5 PHE PHE B . n 
B 1 6 ALA 6 6 6 ALA ALA B . n 
C 1 1 LYS 1 1 1 LYS LYS C . n 
C 1 2 LEU 2 2 2 LEU LEU C . n 
C 1 3 VAL 3 3 3 VAL VAL C . n 
C 1 4 PHE 4 4 4 PHE PHE C . n 
C 1 5 PHE 5 5 5 PHE PHE C . n 
C 1 6 ALA 6 6 6 ALA ALA C . n 
D 1 1 LYS 1 1 1 LYS LYS D . n 
D 1 2 LEU 2 2 2 LEU LEU D . n 
D 1 3 VAL 3 3 3 VAL VAL D . n 
D 1 4 PHE 4 4 4 PHE PHE D . n 
D 1 5 PHE 5 5 5 PHE PHE D . n 
D 1 6 ALA 6 6 6 ALA ALA D . n 
# 
loop_
_pdbx_nonpoly_scheme.asym_id 
_pdbx_nonpoly_scheme.entity_id 
_pdbx_nonpoly_scheme.mon_id 
_pdbx_nonpoly_scheme.ndb_seq_num 
_pdbx_nonpoly_scheme.pdb_seq_num 
_pdbx_nonpoly_scheme.auth_seq_num 
_pdbx_nonpoly_scheme.pdb_mon_id 
_pdbx_nonpoly_scheme.auth_mon_id 
_pdbx_nonpoly_scheme.pdb_strand_id 
_pdbx_nonpoly_scheme.pdb_ins_code 
E 2 ORA 1 49 49 ORA ORA B . 
F 2 ORA 1 50 50 ORA ORA D . 
G 3 HOH 1 7  1  HOH HOH A . 
H 3 HOH 1 7  7  HOH HOH B . 
H 3 HOH 2 8  8  HOH HOH B . 
H 3 HOH 3 9  9  HOH HOH B . 
H 3 HOH 4 10 3  HOH HOH B . 
H 3 HOH 5 11 11 HOH HOH B . 
H 3 HOH 6 12 4  HOH HOH B . 
H 3 HOH 7 13 5  HOH HOH B . 
H 3 HOH 8 14 6  HOH HOH B . 
I 3 HOH 1 10 10 HOH HOH C . 
J 3 HOH 1 7  2  HOH HOH D . 
# 
loop_
_software.pdbx_ordinal 
_software.name 
_software.version 
_software.date 
_software.type 
_software.contact_author 
_software.contact_author_email 
_software.classification 
_software.location 
_software.language 
_software.citation_id 
1 SCALEPACK   .       ?                          program 'Zbyszek Otwinowski' hkl@hkl-xray.com            'data scaling'    
http://www.hkl-xray.com/                     ?          ? 
2 PHASER      2.1.4   'Wed Jun 24 14:00:05 2009' program 'Randy J. Read'      cimr-phaser@lists.cam.ac.uk phasing           
http://www-structmed.cimr.cam.ac.uk/phaser/  ?          ? 
3 REFMAC      .       ?                          program 'Garib N. Murshudov' garib@ysbl.york.ac.uk       refinement        
http://www.ccp4.ac.uk/dist/html/refmac5.html Fortran_77 ? 
4 PDB_EXTRACT 3.10    'June 10, 2010'            package PDB                  deposit@deposit.rcsb.org    'data extraction' 
http://sw-tools.pdb.org/apps/PDB_EXTRACT/    C++        ? 
5 ADSC        Quantum ?                          ?       ?                    ?                           'data collection' ? ? ? 
6 DENZO       .       ?                          ?       ?                    ?                           'data reduction'  ? ? ? 
# 
_cell.length_a           9.536 
_cell.length_b           26.008 
_cell.length_c           25.803 
_cell.angle_alpha        62.280 
_cell.angle_beta         88.590 
_cell.angle_gamma        88.450 
_cell.entry_id           3OVJ 
_cell.pdbx_unique_axis   ? 
_cell.Z_PDB              4 
_cell.length_a_esd       ? 
_cell.length_b_esd       ? 
_cell.length_c_esd       ? 
_cell.angle_alpha_esd    ? 
_cell.angle_beta_esd     ? 
_cell.angle_gamma_esd    ? 
# 
_symmetry.space_group_name_H-M             'P 1' 
_symmetry.entry_id                         3OVJ 
_symmetry.Int_Tables_number                1 
_symmetry.pdbx_full_space_group_name_H-M   ? 
_symmetry.cell_setting                     ? 
_symmetry.space_group_name_Hall            ? 
# 
_exptl.crystals_number   2 
_exptl.entry_id          3OVJ 
_exptl.method            'X-RAY DIFFRACTION' 
# 
loop_
_exptl_crystal.id 
_exptl_crystal.density_Matthews 
_exptl_crystal.density_meas 
_exptl_crystal.density_percent_sol 
_exptl_crystal.description 
_exptl_crystal.F_000 
_exptl_crystal.preparation 
1 1.95 ? 37.01 ? ? ? 
2 ?    ? ?     ? ? ? 
# 
loop_
_exptl_crystal_grow.crystal_id 
_exptl_crystal_grow.method 
_exptl_crystal_grow.pH 
_exptl_crystal_grow.temp 
_exptl_crystal_grow.pdbx_details 
_exptl_crystal_grow.temp_details 
_exptl_crystal_grow.pdbx_pH_range 
1 'VAPOR DIFFUSION, HANGING DROP' ? 291 
'reservoir contained 30% w/v Polyethylene glycol 1,500, 20% v/v Glycerol, vapor diffusion, hanging drop, temperature 291K' ? ? 
2 'VAPOR DIFFUSION, HANGING DROP' ? 291 
'reservoir contained 10% w/v Polyethylene glycol 1,500, 30% v/v Glycerol, vapor diffusion, hanging drop, temperature 291K' ? ? 
# 
loop_
_diffrn.id 
_diffrn.ambient_temp 
_diffrn.ambient_temp_details 
_diffrn.crystal_id 
1 100 ? 1 
2 100 ? 2 
# 
loop_
_diffrn_detector.diffrn_id 
_diffrn_detector.detector 
_diffrn_detector.type 
_diffrn_detector.pdbx_collection_date 
_diffrn_detector.details 
1 CCD 'ADSC QUANTUM 315' 2008-11-16 ? 
2 CCD 'ADSC QUANTUM 315' 2009-11-13 ? 
# 
loop_
_diffrn_radiation.diffrn_id 
_diffrn_radiation.pdbx_diffrn_protocol 
_diffrn_radiation.monochromator 
_diffrn_radiation.wavelength_id 
_diffrn_radiation.pdbx_monochromatic_or_laue_m_l 
_diffrn_radiation.pdbx_scattering_type 
1 'SINGLE WAVELENGTH' ? 1 M x-ray 
2 'SINGLE WAVELENGTH' ? 1 M x-ray 
# 
_diffrn_radiation_wavelength.id           1 
_diffrn_radiation_wavelength.wavelength   0.9792 
_diffrn_radiation_wavelength.wt           1.0 
# 
loop_
_diffrn_source.diffrn_id 
_diffrn_source.source 
_diffrn_source.type 
_diffrn_source.pdbx_wavelength_list 
_diffrn_source.pdbx_wavelength 
_diffrn_source.pdbx_synchrotron_site 
_diffrn_source.pdbx_synchrotron_beamline 
1 SYNCHROTRON 'APS BEAMLINE 24-ID-E' 0.9792 ? APS 24-ID-E 
2 SYNCHROTRON 'APS BEAMLINE 24-ID-E' 0.9792 ? APS 24-ID-E 
# 
_reflns.entry_id                     3OVJ 
_reflns.d_resolution_high            1.800 
_reflns.d_resolution_low             90.000 
_reflns.number_obs                   1870 
_reflns.pdbx_Rmerge_I_obs            0.189 
_reflns.pdbx_netI_over_sigmaI        8.200 
_reflns.pdbx_chi_squared             1.054 
_reflns.pdbx_redundancy              3.800 
_reflns.percent_possible_obs         91.500 
_reflns.observed_criterion_sigma_F   ? 
_reflns.observed_criterion_sigma_I   -3 
_reflns.number_all                   1870 
_reflns.pdbx_Rsym_value              ? 
_reflns.B_iso_Wilson_estimate        22.6 
_reflns.R_free_details               ? 
_reflns.limit_h_max                  ? 
_reflns.limit_h_min                  ? 
_reflns.limit_k_max                  ? 
_reflns.limit_k_min                  ? 
_reflns.limit_l_max                  ? 
_reflns.limit_l_min                  ? 
_reflns.observed_criterion_F_max     ? 
_reflns.observed_criterion_F_min     ? 
_reflns.pdbx_scaling_rejects         ? 
_reflns.pdbx_ordinal                 1 
_reflns.pdbx_diffrn_id               1,2 
# 
loop_
_reflns_shell.d_res_high 
_reflns_shell.d_res_low 
_reflns_shell.number_measured_obs 
_reflns_shell.number_measured_all 
_reflns_shell.number_unique_obs 
_reflns_shell.Rmerge_I_obs 
_reflns_shell.meanI_over_sigI_obs 
_reflns_shell.pdbx_Rsym_value 
_reflns_shell.pdbx_chi_squared 
_reflns_shell.pdbx_redundancy 
_reflns_shell.percent_possible_obs 
_reflns_shell.number_unique_all 
_reflns_shell.percent_possible_all 
_reflns_shell.pdbx_ordinal 
_reflns_shell.pdbx_diffrn_id 
1.800 1.940  ? ? ? 0.414 ? ? 1.030 1.700 ? 304 71.700 1 1,2 
1.940 2.130  ? ? ? 0.365 ? ? 1.034 2.100 ? 367 92.700 2 1,2 
2.130 2.440  ? ? ? 0.387 ? ? 1.048 4.100 ? 402 96.200 3 1,2 
2.440 3.080  ? ? ? 0.307 ? ? 1.069 5.000 ? 403 99.800 4 1,2 
3.080 90.000 ? ? ? 0.163 ? ? 1.053 5.400 ? 394 98.000 5 1,2 
# 
_refine.entry_id                                 3OVJ 
_refine.ls_d_res_high                            1.8000 
_refine.ls_d_res_low                             23.0200 
_refine.pdbx_ls_sigma_F                          0.000 
_refine.pdbx_data_cutoff_high_absF               ? 
_refine.pdbx_data_cutoff_low_absF                ? 
_refine.ls_percent_reflns_obs                    91.8700 
_refine.ls_number_reflns_obs                     1864 
_refine.ls_number_reflns_all                     1864 
_refine.pdbx_ls_cross_valid_method               THROUGHOUT 
_refine.pdbx_R_Free_selection_details            RANDOM 
_refine.details                                  
'HYDROGENS HAVE BEEN ADDED IN THE RIDING POSITIONS U VALUES      : REFINED INDIVIDUALLY' 
_refine.ls_R_factor_all                          0.2067 
_refine.ls_R_factor_obs                          0.2067 
_refine.ls_R_factor_R_work                       0.2054 
_refine.ls_wR_factor_R_work                      0.2255 
_refine.ls_R_factor_R_free                       0.2195 
_refine.ls_wR_factor_R_free                      0.2335 
_refine.ls_percent_reflns_R_free                 9.2000 
_refine.ls_number_reflns_R_free                  172 
_refine.ls_R_factor_R_free_error                 ? 
_refine.B_iso_mean                               16.4603 
_refine.solvent_model_param_bsol                 ? 
_refine.solvent_model_param_ksol                 ? 
_refine.pdbx_isotropic_thermal_model             ? 
_refine.aniso_B[1][1]                            -0.3000 
_refine.aniso_B[2][2]                            -0.1000 
_refine.aniso_B[3][3]                            0.5200 
_refine.aniso_B[1][2]                            -0.0700 
_refine.aniso_B[1][3]                            0.0300 
_refine.aniso_B[2][3]                            -0.1100 
_refine.correlation_coeff_Fo_to_Fc               0.9520 
_refine.correlation_coeff_Fo_to_Fc_free          0.9320 
_refine.overall_SU_R_Cruickshank_DPI             0.2654 
_refine.overall_SU_R_free                        0.1689 
_refine.pdbx_overall_ESU_R_Free                  0.1690 
_refine.overall_SU_ML                            0.1280 
_refine.overall_SU_B                             4.5280 
_refine.solvent_model_details                    MASK 
_refine.pdbx_solvent_vdw_probe_radii             1.4000 
_refine.pdbx_solvent_ion_probe_radii             0.8000 
_refine.pdbx_solvent_shrinkage_radii             0.8000 
_refine.ls_number_parameters                     ? 
_refine.ls_number_restraints                     ? 
_refine.pdbx_starting_model                      ? 
_refine.pdbx_method_to_determine_struct          'MOLECULAR REPLACEMENT' 
_refine.pdbx_stereochemistry_target_values       'MAXIMUM LIKELIHOOD' 
_refine.pdbx_stereochem_target_val_spec_case     ? 
_refine.overall_FOM_work_R_set                   0.8240 
_refine.B_iso_max                                39.530 
_refine.B_iso_min                                4.630 
_refine.occupancy_max                            1.000 
_refine.occupancy_min                            1.000 
_refine.pdbx_ls_sigma_I                          ? 
_refine.ls_redundancy_reflns_obs                 ? 
_refine.ls_R_factor_R_free_error_details         ? 
_refine.pdbx_data_cutoff_high_rms_absF           ? 
_refine.overall_FOM_free_R_set                   ? 
_refine.pdbx_overall_phase_error                 ? 
_refine.pdbx_refine_id                           'X-RAY DIFFRACTION' 
_refine.pdbx_diffrn_id                           1,2 
_refine.pdbx_overall_ESU_R                       ? 
_refine.pdbx_TLS_residual_ADP_flag               ? 
_refine.pdbx_overall_SU_R_free_Cruickshank_DPI   ? 
_refine.pdbx_overall_SU_R_Blow_DPI               ? 
_refine.pdbx_overall_SU_R_free_Blow_DPI          ? 
# 
_refine_hist.pdbx_refine_id                   'X-RAY DIFFRACTION' 
_refine_hist.cycle_id                         LAST 
_refine_hist.pdbx_number_atoms_protein        208 
_refine_hist.pdbx_number_atoms_nucleic_acid   0 
_refine_hist.pdbx_number_atoms_ligand         54 
_refine_hist.number_atoms_solvent             11 
_refine_hist.number_atoms_total               273 
_refine_hist.d_res_high                       1.8000 
_refine_hist.d_res_low                        23.0200 
# 
loop_
_refine_ls_restr.type 
_refine_ls_restr.number 
_refine_ls_restr.dev_ideal 
_refine_ls_restr.dev_ideal_target 
_refine_ls_restr.weight 
_refine_ls_restr.pdbx_refine_id 
_refine_ls_restr.pdbx_restraint_function 
r_bond_refined_d       270 0.011  0.023  ? 'X-RAY DIFFRACTION' ? 
r_bond_other_d         166 0.005  0.020  ? 'X-RAY DIFFRACTION' ? 
r_angle_refined_deg    368 1.690  2.229  ? 'X-RAY DIFFRACTION' ? 
r_angle_other_deg      392 0.690  3.000  ? 'X-RAY DIFFRACTION' ? 
r_dihedral_angle_1_deg 20  6.107  5.000  ? 'X-RAY DIFFRACTION' ? 
r_dihedral_angle_2_deg 8   37.050 20.000 ? 'X-RAY DIFFRACTION' ? 
r_dihedral_angle_3_deg 36  17.862 15.000 ? 'X-RAY DIFFRACTION' ? 
r_chiral_restr         36  0.091  0.200  ? 'X-RAY DIFFRACTION' ? 
r_gen_planes_refined   262 0.007  0.020  ? 'X-RAY DIFFRACTION' ? 
r_gen_planes_other     78  0.001  0.020  ? 'X-RAY DIFFRACTION' ? 
r_mcbond_it            120 1.214  1.500  ? 'X-RAY DIFFRACTION' ? 
r_mcbond_other         44  0.260  1.500  ? 'X-RAY DIFFRACTION' ? 
r_mcangle_it           188 2.110  2.000  ? 'X-RAY DIFFRACTION' ? 
r_scbond_it            150 3.191  3.000  ? 'X-RAY DIFFRACTION' ? 
r_scangle_it           180 5.097  4.500  ? 'X-RAY DIFFRACTION' ? 
# 
_refine_ls_shell.d_res_high                       1.8030 
_refine_ls_shell.d_res_low                        2.0150 
_refine_ls_shell.pdbx_total_number_of_bins_used   5 
_refine_ls_shell.percent_reflns_obs               79.8600 
_refine_ls_shell.number_reflns_R_work             434 
_refine_ls_shell.R_factor_all                     ? 
_refine_ls_shell.R_factor_R_work                  0.2890 
_refine_ls_shell.R_factor_R_free                  0.3660 
_refine_ls_shell.percent_reflns_R_free            ? 
_refine_ls_shell.number_reflns_R_free             26 
_refine_ls_shell.R_factor_R_free_error            ? 
_refine_ls_shell.number_reflns_all                460 
_refine_ls_shell.number_reflns_obs                ? 
_refine_ls_shell.redundancy_reflns_obs            ? 
_refine_ls_shell.pdbx_refine_id                   'X-RAY DIFFRACTION' 
# 
_struct.entry_id                  3OVJ 
_struct.title                     'Structure of an amyloid forming peptide KLVFFA from amyloid beta in complex with orange G' 
_struct.pdbx_model_details        ? 
_struct.pdbx_CASP_flag            ? 
_struct.pdbx_model_type_details   ? 
# 
_struct_keywords.entry_id        3OVJ 
_struct_keywords.text            'amyloid-like protofibril, PROTEIN FIBRIL' 
_struct_keywords.pdbx_keywords   'PROTEIN FIBRIL' 
# 
loop_
_struct_asym.id 
_struct_asym.pdbx_blank_PDB_chainid_flag 
_struct_asym.pdbx_modified 
_struct_asym.entity_id 
_struct_asym.details 
A N N 1 ? 
B N N 1 ? 
C N N 1 ? 
D N N 1 ? 
E N N 2 ? 
F N N 2 ? 
G N N 3 ? 
H N N 3 ? 
I N N 3 ? 
J N N 3 ? 
# 
_struct_ref.id                         1 
_struct_ref.db_name                    UNP 
_struct_ref.db_code                    A4_HUMAN 
_struct_ref.pdbx_db_accession          P05067 
_struct_ref.entity_id                  1 
_struct_ref.pdbx_seq_one_letter_code   KLVFFA 
_struct_ref.pdbx_align_begin           687 
_struct_ref.pdbx_db_isoform            ? 
# 
loop_
_struct_ref_seq.align_id 
_struct_ref_seq.ref_id 
_struct_ref_seq.pdbx_PDB_id_code 
_struct_ref_seq.pdbx_strand_id 
_struct_ref_seq.seq_align_beg 
_struct_ref_seq.pdbx_seq_align_beg_ins_code 
_struct_ref_seq.seq_align_end 
_struct_ref_seq.pdbx_seq_align_end_ins_code 
_struct_ref_seq.pdbx_db_accession 
_struct_ref_seq.db_align_beg 
_struct_ref_seq.pdbx_db_align_beg_ins_code 
_struct_ref_seq.db_align_end 
_struct_ref_seq.pdbx_db_align_end_ins_code 
_struct_ref_seq.pdbx_auth_seq_align_beg 
_struct_ref_seq.pdbx_auth_seq_align_end 
1 1 3OVJ A 1 ? 6 ? P05067 687 ? 692 ? 1 6 
2 1 3OVJ B 1 ? 6 ? P05067 687 ? 692 ? 1 6 
3 1 3OVJ C 1 ? 6 ? P05067 687 ? 692 ? 1 6 
4 1 3OVJ D 1 ? 6 ? P05067 687 ? 692 ? 1 6 
# 
_pdbx_struct_assembly.id                   1 
_pdbx_struct_assembly.details              author_defined_assembly 
_pdbx_struct_assembly.method_details       ? 
_pdbx_struct_assembly.oligomeric_details   tetrameric 
_pdbx_struct_assembly.oligomeric_count     4 
# 
_pdbx_struct_assembly_gen.assembly_id       1 
_pdbx_struct_assembly_gen.oper_expression   1 
_pdbx_struct_assembly_gen.asym_id_list      A,B,C,D,E,F,G,H,I,J 
# 
_pdbx_struct_oper_list.id                   1 
_pdbx_struct_oper_list.type                 'identity operation' 
_pdbx_struct_oper_list.name                 1_555 
_pdbx_struct_oper_list.symmetry_operation   x,y,z 
_pdbx_struct_oper_list.matrix[1][1]         1.0000000000 
_pdbx_struct_oper_list.matrix[1][2]         0.0000000000 
_pdbx_struct_oper_list.matrix[1][3]         0.0000000000 
_pdbx_struct_oper_list.vector[1]            0.0000000000 
_pdbx_struct_oper_list.matrix[2][1]         0.0000000000 
_pdbx_struct_oper_list.matrix[2][2]         1.0000000000 
_pdbx_struct_oper_list.matrix[2][3]         0.0000000000 
_pdbx_struct_oper_list.vector[2]            0.0000000000 
_pdbx_struct_oper_list.matrix[3][1]         0.0000000000 
_pdbx_struct_oper_list.matrix[3][2]         0.0000000000 
_pdbx_struct_oper_list.matrix[3][3]         1.0000000000 
_pdbx_struct_oper_list.vector[3]            0.0000000000 
# 
_struct_biol.id        1 
_struct_biol.details   
;The biological unit is a pair of beta sheets with orange G interrelating between the sheets. The fiber is constructed from unit cell translations along the a direction (i.e. X+1,Y,Z; X+2,Y,Z; X+3,Y,Z, etc.).
;
# 
loop_
_struct_sheet.id 
_struct_sheet.type 
_struct_sheet.number_strands 
_struct_sheet.details 
A ? 2 ? 
B ? 2 ? 
# 
loop_
_struct_sheet_order.sheet_id 
_struct_sheet_order.range_id_1 
_struct_sheet_order.range_id_2 
_struct_sheet_order.offset 
_struct_sheet_order.sense 
A 1 2 ? anti-parallel 
B 1 2 ? anti-parallel 
# 
loop_
_struct_sheet_range.sheet_id 
_struct_sheet_range.id 
_struct_sheet_range.beg_label_comp_id 
_struct_sheet_range.beg_label_asym_id 
_struct_sheet_range.beg_label_seq_id 
_struct_sheet_range.pdbx_beg_PDB_ins_code 
_struct_sheet_range.end_label_comp_id 
_struct_sheet_range.end_label_asym_id 
_struct_sheet_range.end_label_seq_id 
_struct_sheet_range.pdbx_end_PDB_ins_code 
_struct_sheet_range.beg_auth_comp_id 
_struct_sheet_range.beg_auth_asym_id 
_struct_sheet_range.beg_auth_seq_id 
_struct_sheet_range.end_auth_comp_id 
_struct_sheet_range.end_auth_asym_id 
_struct_sheet_range.end_auth_seq_id 
A 1 LEU A 2 ? PHE A 5 ? LEU A 2 PHE A 5 
A 2 LEU B 2 ? PHE B 5 ? LEU B 2 PHE B 5 
B 1 LEU C 2 ? PHE C 5 ? LEU C 2 PHE C 5 
B 2 LEU D 2 ? PHE D 5 ? LEU D 2 PHE D 5 
# 
loop_
_pdbx_struct_sheet_hbond.sheet_id 
_pdbx_struct_sheet_hbond.range_id_1 
_pdbx_struct_sheet_hbond.range_id_2 
_pdbx_struct_sheet_hbond.range_1_label_atom_id 
_pdbx_struct_sheet_hbond.range_1_label_comp_id 
_pdbx_struct_sheet_hbond.range_1_label_asym_id 
_pdbx_struct_sheet_hbond.range_1_label_seq_id 
_pdbx_struct_sheet_hbond.range_1_PDB_ins_code 
_pdbx_struct_sheet_hbond.range_1_auth_atom_id 
_pdbx_struct_sheet_hbond.range_1_auth_comp_id 
_pdbx_struct_sheet_hbond.range_1_auth_asym_id 
_pdbx_struct_sheet_hbond.range_1_auth_seq_id 
_pdbx_struct_sheet_hbond.range_2_label_atom_id 
_pdbx_struct_sheet_hbond.range_2_label_comp_id 
_pdbx_struct_sheet_hbond.range_2_label_asym_id 
_pdbx_struct_sheet_hbond.range_2_label_seq_id 
_pdbx_struct_sheet_hbond.range_2_PDB_ins_code 
_pdbx_struct_sheet_hbond.range_2_auth_atom_id 
_pdbx_struct_sheet_hbond.range_2_auth_comp_id 
_pdbx_struct_sheet_hbond.range_2_auth_asym_id 
_pdbx_struct_sheet_hbond.range_2_auth_seq_id 
A 1 2 N LEU A 2 ? N LEU A 2 O PHE B 5 ? O PHE B 5 
B 1 2 N LEU C 2 ? N LEU C 2 O PHE D 5 ? O PHE D 5 
# 
loop_
_struct_site.id 
_struct_site.pdbx_evidence_code 
_struct_site.pdbx_auth_asym_id 
_struct_site.pdbx_auth_comp_id 
_struct_site.pdbx_auth_seq_id 
_struct_site.pdbx_auth_ins_code 
_struct_site.pdbx_num_residues 
_struct_site.details 
AC1 Software B ORA 49 ? 12 'BINDING SITE FOR RESIDUE ORA B 49' 
AC2 Software D ORA 50 ? 11 'BINDING SITE FOR RESIDUE ORA D 50' 
# 
loop_
_struct_site_gen.id 
_struct_site_gen.site_id 
_struct_site_gen.pdbx_num_res 
_struct_site_gen.label_comp_id 
_struct_site_gen.label_asym_id 
_struct_site_gen.label_seq_id 
_struct_site_gen.pdbx_auth_ins_code 
_struct_site_gen.auth_comp_id 
_struct_site_gen.auth_asym_id 
_struct_site_gen.auth_seq_id 
_struct_site_gen.label_atom_id 
_struct_site_gen.label_alt_id 
_struct_site_gen.symmetry 
_struct_site_gen.details 
1  AC1 12 LYS A 1 ? LYS A 1  . ? 1_565 ? 
2  AC1 12 PHE A 4 ? PHE A 4  . ? 1_455 ? 
3  AC1 12 PHE A 4 ? PHE A 4  . ? 1_555 ? 
4  AC1 12 LYS B 1 ? LYS B 1  . ? 1_555 ? 
5  AC1 12 LYS B 1 ? LYS B 1  . ? 1_655 ? 
6  AC1 12 VAL B 3 ? VAL B 3  . ? 1_555 ? 
7  AC1 12 LYS C 1 ? LYS C 1  . ? 1_555 ? 
8  AC1 12 LYS C 1 ? LYS C 1  . ? 1_655 ? 
9  AC1 12 VAL C 3 ? VAL C 3  . ? 1_555 ? 
10 AC1 12 HOH I . ? HOH C 10 . ? 1_556 ? 
11 AC1 12 LYS D 1 ? LYS D 1  . ? 1_556 ? 
12 AC1 12 PHE D 4 ? PHE D 4  . ? 1_555 ? 
13 AC2 11 LYS A 1 ? LYS A 1  . ? 1_464 ? 
14 AC2 11 LYS A 1 ? LYS A 1  . ? 1_564 ? 
15 AC2 11 VAL A 3 ? VAL A 3  . ? 1_564 ? 
16 AC2 11 PHE B 4 ? PHE B 4  . ? 1_564 ? 
17 AC2 11 LYS C 1 ? LYS C 1  . ? 1_554 ? 
18 AC2 11 PHE C 4 ? PHE C 4  . ? 1_555 ? 
19 AC2 11 PHE C 4 ? PHE C 4  . ? 1_655 ? 
20 AC2 11 HOH I . ? HOH C 10 . ? 1_455 ? 
21 AC2 11 LYS D 1 ? LYS D 1  . ? 1_455 ? 
22 AC2 11 LYS D 1 ? LYS D 1  . ? 1_555 ? 
23 AC2 11 VAL D 3 ? VAL D 3  . ? 1_555 ? 
# 
_pdbx_phasing_MR.entry_id                     3OVJ 
_pdbx_phasing_MR.method_rotation              ? 
_pdbx_phasing_MR.method_translation           ? 
_pdbx_phasing_MR.model_details                'Phaser MODE: MR_AUTO' 
_pdbx_phasing_MR.R_factor                     ? 
_pdbx_phasing_MR.R_rigid_body                 ? 
_pdbx_phasing_MR.correlation_coeff_Fo_to_Fc   ? 
_pdbx_phasing_MR.correlation_coeff_Io_to_Ic   ? 
_pdbx_phasing_MR.d_res_high_rotation          1.900 
_pdbx_phasing_MR.d_res_low_rotation           23.040 
_pdbx_phasing_MR.d_res_high_translation       1.900 
_pdbx_phasing_MR.d_res_low_translation        23.040 
_pdbx_phasing_MR.packing                      ? 
_pdbx_phasing_MR.reflns_percent_rotation      ? 
_pdbx_phasing_MR.reflns_percent_translation   ? 
_pdbx_phasing_MR.sigma_F_rotation             ? 
_pdbx_phasing_MR.sigma_F_translation          ? 
_pdbx_phasing_MR.sigma_I_rotation             ? 
_pdbx_phasing_MR.sigma_I_translation          ? 
# 
_phasing.method   MR 
# 
loop_
_chem_comp_atom.comp_id 
_chem_comp_atom.atom_id 
_chem_comp_atom.type_symbol 
_chem_comp_atom.pdbx_aromatic_flag 
_chem_comp_atom.pdbx_stereo_config 
_chem_comp_atom.pdbx_ordinal 
ALA N    N N N 1   
ALA CA   C N S 2   
ALA C    C N N 3   
ALA O    O N N 4   
ALA CB   C N N 5   
ALA OXT  O N N 6   
ALA H    H N N 7   
ALA H2   H N N 8   
ALA HA   H N N 9   
ALA HB1  H N N 10  
ALA HB2  H N N 11  
ALA HB3  H N N 12  
ALA HXT  H N N 13  
HOH O    O N N 14  
HOH H1   H N N 15  
HOH H2   H N N 16  
LEU N    N N N 17  
LEU CA   C N S 18  
LEU C    C N N 19  
LEU O    O N N 20  
LEU CB   C N N 21  
LEU CG   C N N 22  
LEU CD1  C N N 23  
LEU CD2  C N N 24  
LEU OXT  O N N 25  
LEU H    H N N 26  
LEU H2   H N N 27  
LEU HA   H N N 28  
LEU HB2  H N N 29  
LEU HB3  H N N 30  
LEU HG   H N N 31  
LEU HD11 H N N 32  
LEU HD12 H N N 33  
LEU HD13 H N N 34  
LEU HD21 H N N 35  
LEU HD22 H N N 36  
LEU HD23 H N N 37  
LEU HXT  H N N 38  
LYS N    N N N 39  
LYS CA   C N S 40  
LYS C    C N N 41  
LYS O    O N N 42  
LYS CB   C N N 43  
LYS CG   C N N 44  
LYS CD   C N N 45  
LYS CE   C N N 46  
LYS NZ   N N N 47  
LYS OXT  O N N 48  
LYS H    H N N 49  
LYS H2   H N N 50  
LYS HA   H N N 51  
LYS HB2  H N N 52  
LYS HB3  H N N 53  
LYS HG2  H N N 54  
LYS HG3  H N N 55  
LYS HD2  H N N 56  
LYS HD3  H N N 57  
LYS HE2  H N N 58  
LYS HE3  H N N 59  
LYS HZ1  H N N 60  
LYS HZ2  H N N 61  
LYS HZ3  H N N 62  
LYS HXT  H N N 63  
ORA C1   C Y N 64  
ORA N1   N N N 65  
ORA O1   O N N 66  
ORA S1   S N N 67  
ORA C2   C Y N 68  
ORA N2   N N N 69  
ORA O2   O N N 70  
ORA S2   S N N 71  
ORA C3   C Y N 72  
ORA O3   O N N 73  
ORA C4   C Y N 74  
ORA O4   O N N 75  
ORA C5   C Y N 76  
ORA O5   O N N 77  
ORA C6   C Y N 78  
ORA O6   O N N 79  
ORA C7   C Y N 80  
ORA O7   O N N 81  
ORA C8   C Y N 82  
ORA C9   C Y N 83  
ORA C10  C Y N 84  
ORA C11  C Y N 85  
ORA C12  C Y N 86  
ORA C13  C Y N 87  
ORA C14  C Y N 88  
ORA C15  C Y N 89  
ORA C16  C Y N 90  
ORA H1   H N N 91  
ORA H2   H N N 92  
ORA H3   H N N 93  
ORA H4   H N N 94  
ORA H5   H N N 95  
ORA H6   H N N 96  
ORA H7   H N N 97  
ORA HO7  H N N 98  
ORA H8   H N N 99  
ORA H9   H N N 100 
ORA H11  H N N 101 
ORA H12  H N N 102 
PHE N    N N N 103 
PHE CA   C N S 104 
PHE C    C N N 105 
PHE O    O N N 106 
PHE CB   C N N 107 
PHE CG   C Y N 108 
PHE CD1  C Y N 109 
PHE CD2  C Y N 110 
PHE CE1  C Y N 111 
PHE CE2  C Y N 112 
PHE CZ   C Y N 113 
PHE OXT  O N N 114 
PHE H    H N N 115 
PHE H2   H N N 116 
PHE HA   H N N 117 
PHE HB2  H N N 118 
PHE HB3  H N N 119 
PHE HD1  H N N 120 
PHE HD2  H N N 121 
PHE HE1  H N N 122 
PHE HE2  H N N 123 
PHE HZ   H N N 124 
PHE HXT  H N N 125 
VAL N    N N N 126 
VAL CA   C N S 127 
VAL C    C N N 128 
VAL O    O N N 129 
VAL CB   C N N 130 
VAL CG1  C N N 131 
VAL CG2  C N N 132 
VAL OXT  O N N 133 
VAL H    H N N 134 
VAL H2   H N N 135 
VAL HA   H N N 136 
VAL HB   H N N 137 
VAL HG11 H N N 138 
VAL HG12 H N N 139 
VAL HG13 H N N 140 
VAL HG21 H N N 141 
VAL HG22 H N N 142 
VAL HG23 H N N 143 
VAL HXT  H N N 144 
# 
loop_
_chem_comp_bond.comp_id 
_chem_comp_bond.atom_id_1 
_chem_comp_bond.atom_id_2 
_chem_comp_bond.value_order 
_chem_comp_bond.pdbx_aromatic_flag 
_chem_comp_bond.pdbx_stereo_config 
_chem_comp_bond.pdbx_ordinal 
ALA N   CA   sing N N 1   
ALA N   H    sing N N 2   
ALA N   H2   sing N N 3   
ALA CA  C    sing N N 4   
ALA CA  CB   sing N N 5   
ALA CA  HA   sing N N 6   
ALA C   O    doub N N 7   
ALA C   OXT  sing N N 8   
ALA CB  HB1  sing N N 9   
ALA CB  HB2  sing N N 10  
ALA CB  HB3  sing N N 11  
ALA OXT HXT  sing N N 12  
HOH O   H1   sing N N 13  
HOH O   H2   sing N N 14  
LEU N   CA   sing N N 15  
LEU N   H    sing N N 16  
LEU N   H2   sing N N 17  
LEU CA  C    sing N N 18  
LEU CA  CB   sing N N 19  
LEU CA  HA   sing N N 20  
LEU C   O    doub N N 21  
LEU C   OXT  sing N N 22  
LEU CB  CG   sing N N 23  
LEU CB  HB2  sing N N 24  
LEU CB  HB3  sing N N 25  
LEU CG  CD1  sing N N 26  
LEU CG  CD2  sing N N 27  
LEU CG  HG   sing N N 28  
LEU CD1 HD11 sing N N 29  
LEU CD1 HD12 sing N N 30  
LEU CD1 HD13 sing N N 31  
LEU CD2 HD21 sing N N 32  
LEU CD2 HD22 sing N N 33  
LEU CD2 HD23 sing N N 34  
LEU OXT HXT  sing N N 35  
LYS N   CA   sing N N 36  
LYS N   H    sing N N 37  
LYS N   H2   sing N N 38  
LYS CA  C    sing N N 39  
LYS CA  CB   sing N N 40  
LYS CA  HA   sing N N 41  
LYS C   O    doub N N 42  
LYS C   OXT  sing N N 43  
LYS CB  CG   sing N N 44  
LYS CB  HB2  sing N N 45  
LYS CB  HB3  sing N N 46  
LYS CG  CD   sing N N 47  
LYS CG  HG2  sing N N 48  
LYS CG  HG3  sing N N 49  
LYS CD  CE   sing N N 50  
LYS CD  HD2  sing N N 51  
LYS CD  HD3  sing N N 52  
LYS CE  NZ   sing N N 53  
LYS CE  HE2  sing N N 54  
LYS CE  HE3  sing N N 55  
LYS NZ  HZ1  sing N N 56  
LYS NZ  HZ2  sing N N 57  
LYS NZ  HZ3  sing N N 58  
LYS OXT HXT  sing N N 59  
ORA C1  C2   doub Y N 60  
ORA C1  C3   sing Y N 61  
ORA C1  H1   sing N N 62  
ORA N1  N2   doub N N 63  
ORA N1  C12  sing N N 64  
ORA O1  S1   sing N N 65  
ORA S1  O3   doub N N 66  
ORA S1  O4   doub N N 67  
ORA S1  C15  sing N N 68  
ORA C2  C5   sing Y N 69  
ORA C2  H2   sing N N 70  
ORA N2  C13  sing N N 71  
ORA O2  S2   sing N N 72  
ORA S2  O5   doub N N 73  
ORA S2  O6   doub N N 74  
ORA S2  C16  sing N N 75  
ORA C3  C6   doub Y N 76  
ORA C3  H3   sing N N 77  
ORA C4  C7   doub Y N 78  
ORA C4  C10  sing Y N 79  
ORA C4  H4   sing N N 80  
ORA C5  C12  doub Y N 81  
ORA C5  H5   sing N N 82  
ORA C6  C12  sing Y N 83  
ORA C6  H6   sing N N 84  
ORA C7  C14  sing Y N 85  
ORA C7  H7   sing N N 86  
ORA O7  C14  sing N N 87  
ORA O7  HO7  sing N N 88  
ORA C8  C10  doub Y N 89  
ORA C8  C15  sing Y N 90  
ORA C8  H8   sing N N 91  
ORA C9  C15  doub Y N 92  
ORA C9  C16  sing Y N 93  
ORA C9  H9   sing N N 94  
ORA C10 C11  sing Y N 95  
ORA C11 C13  sing Y N 96  
ORA C11 C16  doub Y N 97  
ORA C13 C14  doub Y N 98  
ORA O1  H11  sing N N 99  
ORA O2  H12  sing N N 100 
PHE N   CA   sing N N 101 
PHE N   H    sing N N 102 
PHE N   H2   sing N N 103 
PHE CA  C    sing N N 104 
PHE CA  CB   sing N N 105 
PHE CA  HA   sing N N 106 
PHE C   O    doub N N 107 
PHE C   OXT  sing N N 108 
PHE CB  CG   sing N N 109 
PHE CB  HB2  sing N N 110 
PHE CB  HB3  sing N N 111 
PHE CG  CD1  doub Y N 112 
PHE CG  CD2  sing Y N 113 
PHE CD1 CE1  sing Y N 114 
PHE CD1 HD1  sing N N 115 
PHE CD2 CE2  doub Y N 116 
PHE CD2 HD2  sing N N 117 
PHE CE1 CZ   doub Y N 118 
PHE CE1 HE1  sing N N 119 
PHE CE2 CZ   sing Y N 120 
PHE CE2 HE2  sing N N 121 
PHE CZ  HZ   sing N N 122 
PHE OXT HXT  sing N N 123 
VAL N   CA   sing N N 124 
VAL N   H    sing N N 125 
VAL N   H2   sing N N 126 
VAL CA  C    sing N N 127 
VAL CA  CB   sing N N 128 
VAL CA  HA   sing N N 129 
VAL C   O    doub N N 130 
VAL C   OXT  sing N N 131 
VAL CB  CG1  sing N N 132 
VAL CB  CG2  sing N N 133 
VAL CB  HB   sing N N 134 
VAL CG1 HG11 sing N N 135 
VAL CG1 HG12 sing N N 136 
VAL CG1 HG13 sing N N 137 
VAL CG2 HG21 sing N N 138 
VAL CG2 HG22 sing N N 139 
VAL CG2 HG23 sing N N 140 
VAL OXT HXT  sing N N 141 
# 
_atom_sites.entry_id                    3OVJ 
_atom_sites.fract_transf_matrix[1][1]   0.05787711 
_atom_sites.fract_transf_matrix[1][2]   -0.07992894 
_atom_sites.fract_transf_matrix[1][3]   0.03561693 
_atom_sites.fract_transf_matrix[2][1]   0.03511640 
_atom_sites.fract_transf_matrix[2][2]   0.02548518 
_atom_sites.fract_transf_matrix[2][3]   -0.00214034 
_atom_sites.fract_transf_matrix[3][1]   -0.02325483 
_atom_sites.fract_transf_matrix[3][2]   0.00046591 
_atom_sites.fract_transf_matrix[3][3]   0.03709612 
_atom_sites.fract_transf_vector[1]      -0.079200 
_atom_sites.fract_transf_vector[2]      0.098524 
_atom_sites.fract_transf_vector[3]      -0.606138 
# 
loop_
_atom_type.symbol 
C 
N 
O 
S 
# 
loop_
_atom_site.group_PDB 
_atom_site.id 
_atom_site.type_symbol 
_atom_site.label_atom_id 
_atom_site.label_alt_id 
_atom_site.label_comp_id 
_atom_site.label_asym_id 
_atom_site.label_entity_id 
_atom_site.label_seq_id 
_atom_site.pdbx_PDB_ins_code 
_atom_site.Cartn_x 
_atom_site.Cartn_y 
_atom_site.Cartn_z 
_atom_site.occupancy 
_atom_site.B_iso_or_equiv 
_atom_site.pdbx_formal_charge 
_atom_site.auth_seq_id 
_atom_site.auth_comp_id 
_atom_site.auth_asym_id 
_atom_site.auth_atom_id 
_atom_site.pdbx_PDB_model_num 
ATOM   1   N N   . LYS A 1 1 ? -4.092  -9.333  -3.458  1.00 15.17 ? 1  LYS A N   1 
ATOM   2   C CA  . LYS A 1 1 ? -4.963  -8.840  -2.348  1.00 14.33 ? 1  LYS A CA  1 
ATOM   3   C C   . LYS A 1 1 ? -4.075  -8.351  -1.197  1.00 12.20 ? 1  LYS A C   1 
ATOM   4   O O   . LYS A 1 1 ? -3.371  -9.146  -0.597  1.00 12.01 ? 1  LYS A O   1 
ATOM   5   C CB  . LYS A 1 1 ? -5.876  -9.983  -1.887  1.00 14.63 ? 1  LYS A CB  1 
ATOM   6   C CG  . LYS A 1 1 ? -7.038  -9.587  -0.998  1.00 18.91 ? 1  LYS A CG  1 
ATOM   7   C CD  . LYS A 1 1 ? -7.907  -10.817 -0.742  1.00 21.97 ? 1  LYS A CD  1 
ATOM   8   C CE  . LYS A 1 1 ? -9.287  -10.454 -0.278  1.00 25.93 ? 1  LYS A CE  1 
ATOM   9   N NZ  . LYS A 1 1 ? -10.267 -11.562 -0.472  1.00 26.35 ? 1  LYS A NZ  1 
ATOM   10  N N   . LEU A 1 2 ? -4.102  -7.050  -0.913  1.00 11.30 ? 2  LEU A N   1 
ATOM   11  C CA  . LEU A 1 2 ? -3.378  -6.454  0.236   1.00 10.77 ? 2  LEU A CA  1 
ATOM   12  C C   . LEU A 1 2 ? -4.358  -5.924  1.287   1.00 8.72  ? 2  LEU A C   1 
ATOM   13  O O   . LEU A 1 2 ? -5.246  -5.141  0.965   1.00 9.35  ? 2  LEU A O   1 
ATOM   14  C CB  . LEU A 1 2 ? -2.482  -5.274  -0.194  1.00 9.87  ? 2  LEU A CB  1 
ATOM   15  C CG  . LEU A 1 2 ? -1.809  -4.497  0.964   1.00 13.36 ? 2  LEU A CG  1 
ATOM   16  C CD1 . LEU A 1 2 ? -0.642  -5.333  1.531   1.00 13.10 ? 2  LEU A CD1 1 
ATOM   17  C CD2 . LEU A 1 2 ? -1.347  -3.077  0.567   1.00 15.58 ? 2  LEU A CD2 1 
ATOM   18  N N   . VAL A 1 3 ? -4.142  -6.307  2.539   1.00 7.72  ? 3  VAL A N   1 
ATOM   19  C CA  . VAL A 1 3 ? -4.845  -5.722  3.675   1.00 7.67  ? 3  VAL A CA  1 
ATOM   20  C C   . VAL A 1 3 ? -3.777  -5.275  4.703   1.00 8.47  ? 3  VAL A C   1 
ATOM   21  O O   . VAL A 1 3 ? -2.893  -6.058  5.089   1.00 7.48  ? 3  VAL A O   1 
ATOM   22  C CB  . VAL A 1 3 ? -5.865  -6.722  4.293   1.00 7.02  ? 3  VAL A CB  1 
ATOM   23  C CG1 . VAL A 1 3 ? -6.643  -6.073  5.446   1.00 9.90  ? 3  VAL A CG1 1 
ATOM   24  C CG2 . VAL A 1 3 ? -6.834  -7.240  3.244   1.00 4.63  ? 3  VAL A CG2 1 
ATOM   25  N N   . PHE A 1 4 ? -3.851  -4.005  5.103   1.00 10.07 ? 4  PHE A N   1 
ATOM   26  C CA  . PHE A 1 4 ? -2.851  -3.356  5.995   1.00 11.69 ? 4  PHE A CA  1 
ATOM   27  C C   . PHE A 1 4 ? -3.541  -2.482  7.054   1.00 11.61 ? 4  PHE A C   1 
ATOM   28  O O   . PHE A 1 4 ? -4.169  -1.475  6.718   1.00 9.57  ? 4  PHE A O   1 
ATOM   29  C CB  . PHE A 1 4 ? -1.861  -2.511  5.155   1.00 11.35 ? 4  PHE A CB  1 
ATOM   30  C CG  . PHE A 1 4 ? -0.944  -1.613  5.968   1.00 14.32 ? 4  PHE A CG  1 
ATOM   31  C CD1 . PHE A 1 4 ? -0.236  -2.112  7.054   1.00 20.30 ? 4  PHE A CD1 1 
ATOM   32  C CD2 . PHE A 1 4 ? -0.759  -0.277  5.607   1.00 19.06 ? 4  PHE A CD2 1 
ATOM   33  C CE1 . PHE A 1 4 ? 0.615   -1.292  7.800   1.00 21.64 ? 4  PHE A CE1 1 
ATOM   34  C CE2 . PHE A 1 4 ? 0.098   0.548   6.336   1.00 17.52 ? 4  PHE A CE2 1 
ATOM   35  C CZ  . PHE A 1 4 ? 0.786   0.038   7.438   1.00 19.78 ? 4  PHE A CZ  1 
ATOM   36  N N   . PHE A 1 5 ? -3.434  -2.898  8.317   1.00 13.15 ? 5  PHE A N   1 
ATOM   37  C CA  . PHE A 1 5 ? -3.919  -2.125  9.462   1.00 14.89 ? 5  PHE A CA  1 
ATOM   38  C C   . PHE A 1 5 ? -2.697  -1.592  10.220  1.00 15.69 ? 5  PHE A C   1 
ATOM   39  O O   . PHE A 1 5 ? -1.829  -2.375  10.609  1.00 14.09 ? 5  PHE A O   1 
ATOM   40  C CB  . PHE A 1 5 ? -4.722  -3.008  10.422  1.00 15.28 ? 5  PHE A CB  1 
ATOM   41  C CG  . PHE A 1 5 ? -6.096  -3.408  9.932   1.00 18.94 ? 5  PHE A CG  1 
ATOM   42  C CD1 . PHE A 1 5 ? -6.369  -3.626  8.585   1.00 25.00 ? 5  PHE A CD1 1 
ATOM   43  C CD2 . PHE A 1 5 ? -7.113  -3.620  10.849  1.00 26.74 ? 5  PHE A CD2 1 
ATOM   44  C CE1 . PHE A 1 5 ? -7.648  -4.019  8.165   1.00 29.55 ? 5  PHE A CE1 1 
ATOM   45  C CE2 . PHE A 1 5 ? -8.398  -4.014  10.429  1.00 31.00 ? 5  PHE A CE2 1 
ATOM   46  C CZ  . PHE A 1 5 ? -8.658  -4.210  9.092   1.00 29.17 ? 5  PHE A CZ  1 
ATOM   47  N N   . ALA A 1 6 ? -2.646  -0.280  10.467  1.00 17.34 ? 6  ALA A N   1 
ATOM   48  C CA  . ALA A 1 6 ? -1.517  0.344   11.192  1.00 18.89 ? 6  ALA A CA  1 
ATOM   49  C C   . ALA A 1 6 ? -1.996  1.263   12.308  1.00 20.80 ? 6  ALA A C   1 
ATOM   50  O O   . ALA A 1 6 ? -3.129  1.763   12.266  1.00 22.76 ? 6  ALA A O   1 
ATOM   51  C CB  . ALA A 1 6 ? -0.637  1.118   10.233  1.00 18.51 ? 6  ALA A CB  1 
ATOM   52  O OXT . ALA A 1 6 ? -1.260  1.523   13.275  1.00 21.85 ? 6  ALA A OXT 1 
ATOM   53  N N   . LYS B 1 1 ? -5.483  3.381   11.084  1.00 11.14 ? 1  LYS B N   1 
ATOM   54  C CA  . LYS B 1 1 ? -5.206  3.423   9.620   1.00 10.97 ? 1  LYS B CA  1 
ATOM   55  C C   . LYS B 1 1 ? -5.483  2.067   8.994   1.00 11.06 ? 1  LYS B C   1 
ATOM   56  O O   . LYS B 1 1 ? -4.977  1.045   9.472   1.00 11.09 ? 1  LYS B O   1 
ATOM   57  C CB  . LYS B 1 1 ? -3.760  3.821   9.387   1.00 11.34 ? 1  LYS B CB  1 
ATOM   58  C CG  . LYS B 1 1 ? -3.392  4.014   7.956   1.00 13.85 ? 1  LYS B CG  1 
ATOM   59  C CD  . LYS B 1 1 ? -2.010  4.621   7.864   1.00 21.29 ? 1  LYS B CD  1 
ATOM   60  C CE  . LYS B 1 1 ? -1.916  5.642   6.775   1.00 22.74 ? 1  LYS B CE  1 
ATOM   61  N NZ  . LYS B 1 1 ? -0.533  6.164   6.704   1.00 25.76 ? 1  LYS B NZ  1 
ATOM   62  N N   . LEU B 1 2 ? -6.274  2.063   7.918   1.00 10.74 ? 2  LEU B N   1 
ATOM   63  C CA  . LEU B 1 2 ? -6.603  0.845   7.164   1.00 9.68  ? 2  LEU B CA  1 
ATOM   64  C C   . LEU B 1 2 ? -6.354  1.063   5.672   1.00 8.86  ? 2  LEU B C   1 
ATOM   65  O O   . LEU B 1 2 ? -6.801  2.061   5.117   1.00 8.12  ? 2  LEU B O   1 
ATOM   66  C CB  . LEU B 1 2 ? -8.075  0.475   7.402   1.00 9.16  ? 2  LEU B CB  1 
ATOM   67  C CG  . LEU B 1 2 ? -8.739  -0.715  6.698   1.00 11.76 ? 2  LEU B CG  1 
ATOM   68  C CD1 . LEU B 1 2 ? -9.975  -1.164  7.474   1.00 17.59 ? 2  LEU B CD1 1 
ATOM   69  C CD2 . LEU B 1 2 ? -9.146  -0.368  5.276   1.00 15.49 ? 2  LEU B CD2 1 
ATOM   70  N N   . VAL B 1 3 ? -5.633  0.140   5.033   1.00 8.43  ? 3  VAL B N   1 
ATOM   71  C CA  . VAL B 1 3 ? -5.479  0.133   3.574   1.00 8.34  ? 3  VAL B CA  1 
ATOM   72  C C   . VAL B 1 3 ? -5.884  -1.242  3.025   1.00 7.81  ? 3  VAL B C   1 
ATOM   73  O O   . VAL B 1 3 ? -5.399  -2.257  3.496   1.00 7.61  ? 3  VAL B O   1 
ATOM   74  C CB  . VAL B 1 3 ? -4.024  0.439   3.152   1.00 9.46  ? 3  VAL B CB  1 
ATOM   75  C CG1 . VAL B 1 3 ? -3.907  0.503   1.630   1.00 7.94  ? 3  VAL B CG1 1 
ATOM   76  C CG2 . VAL B 1 3 ? -3.534  1.748   3.784   1.00 7.83  ? 3  VAL B CG2 1 
ATOM   77  N N   . PHE B 1 4 ? -6.808  -1.256  2.060   1.00 8.14  ? 4  PHE B N   1 
ATOM   78  C CA  . PHE B 1 4 ? -7.194  -2.469  1.317   1.00 8.94  ? 4  PHE B CA  1 
ATOM   79  C C   . PHE B 1 4 ? -6.985  -2.244  -0.185  1.00 8.97  ? 4  PHE B C   1 
ATOM   80  O O   . PHE B 1 4 ? -7.332  -1.184  -0.718  1.00 7.58  ? 4  PHE B O   1 
ATOM   81  C CB  . PHE B 1 4 ? -8.661  -2.864  1.594   1.00 8.51  ? 4  PHE B CB  1 
ATOM   82  C CG  . PHE B 1 4 ? -9.204  -3.941  0.661   1.00 9.16  ? 4  PHE B CG  1 
ATOM   83  C CD1 . PHE B 1 4 ? -9.033  -5.293  0.932   1.00 8.74  ? 4  PHE B CD1 1 
ATOM   84  C CD2 . PHE B 1 4 ? -9.891  -3.591  -0.486  1.00 9.69  ? 4  PHE B CD2 1 
ATOM   85  C CE1 . PHE B 1 4 ? -9.546  -6.271  0.067   1.00 8.88  ? 4  PHE B CE1 1 
ATOM   86  C CE2 . PHE B 1 4 ? -10.401 -4.562  -1.354  1.00 9.12  ? 4  PHE B CE2 1 
ATOM   87  C CZ  . PHE B 1 4 ? -10.229 -5.897  -1.072  1.00 8.26  ? 4  PHE B CZ  1 
ATOM   88  N N   . PHE B 1 5 ? -6.434  -3.249  -0.855  1.00 9.27  ? 5  PHE B N   1 
ATOM   89  C CA  . PHE B 1 5 ? -6.320  -3.225  -2.309  1.00 10.91 ? 5  PHE B CA  1 
ATOM   90  C C   . PHE B 1 5 ? -6.391  -4.617  -2.923  1.00 11.70 ? 5  PHE B C   1 
ATOM   91  O O   . PHE B 1 5 ? -5.642  -5.513  -2.526  1.00 11.51 ? 5  PHE B O   1 
ATOM   92  C CB  . PHE B 1 5 ? -5.033  -2.552  -2.786  1.00 10.96 ? 5  PHE B CB  1 
ATOM   93  C CG  . PHE B 1 5 ? -5.051  -2.268  -4.255  1.00 12.64 ? 5  PHE B CG  1 
ATOM   94  C CD1 . PHE B 1 5 ? -5.668  -1.116  -4.719  1.00 15.91 ? 5  PHE B CD1 1 
ATOM   95  C CD2 . PHE B 1 5 ? -4.553  -3.183  -5.170  1.00 16.42 ? 5  PHE B CD2 1 
ATOM   96  C CE1 . PHE B 1 5 ? -5.744  -0.847  -6.070  1.00 17.62 ? 5  PHE B CE1 1 
ATOM   97  C CE2 . PHE B 1 5 ? -4.630  -2.927  -6.523  1.00 19.57 ? 5  PHE B CE2 1 
ATOM   98  C CZ  . PHE B 1 5 ? -5.224  -1.754  -6.975  1.00 19.26 ? 5  PHE B CZ  1 
ATOM   99  N N   . ALA B 1 6 ? -7.290  -4.780  -3.899  1.00 13.65 ? 6  ALA B N   1 
ATOM   100 C CA  . ALA B 1 6 ? -7.456  -6.044  -4.627  1.00 15.22 ? 6  ALA B CA  1 
ATOM   101 C C   . ALA B 1 6 ? -7.854  -5.798  -6.085  1.00 16.94 ? 6  ALA B C   1 
ATOM   102 O O   . ALA B 1 6 ? -8.551  -4.812  -6.350  1.00 19.20 ? 6  ALA B O   1 
ATOM   103 C CB  . ALA B 1 6 ? -8.492  -6.894  -3.949  1.00 15.26 ? 6  ALA B CB  1 
ATOM   104 O OXT . ALA B 1 6 ? -7.506  -6.556  -7.012  1.00 20.69 ? 6  ALA B OXT 1 
ATOM   105 N N   . LYS C 1 1 ? 7.457   10.843  1.180   1.00 14.05 ? 1  LYS C N   1 
ATOM   106 C CA  . LYS C 1 1 ? 6.706   9.558   1.255   1.00 13.16 ? 1  LYS C CA  1 
ATOM   107 C C   . LYS C 1 1 ? 6.159   9.225   -0.137  1.00 12.20 ? 1  LYS C C   1 
ATOM   108 O O   . LYS C 1 1 ? 5.382   9.991   -0.681  1.00 12.20 ? 1  LYS C O   1 
ATOM   109 C CB  . LYS C 1 1 ? 5.568   9.695   2.268   1.00 14.70 ? 1  LYS C CB  1 
ATOM   110 C CG  . LYS C 1 1 ? 4.957   8.388   2.742   1.00 17.57 ? 1  LYS C CG  1 
ATOM   111 C CD  . LYS C 1 1 ? 3.611   8.636   3.410   1.00 20.38 ? 1  LYS C CD  1 
ATOM   112 C CE  . LYS C 1 1 ? 3.457   7.809   4.665   1.00 24.06 ? 1  LYS C CE  1 
ATOM   113 N NZ  . LYS C 1 1 ? 2.120   7.942   5.297   1.00 22.92 ? 1  LYS C NZ  1 
ATOM   114 N N   . LEU C 1 2 ? 6.586   8.095   -0.705  1.00 11.29 ? 2  LEU C N   1 
ATOM   115 C CA  . LEU C 1 2 ? 6.097   7.606   -2.023  1.00 11.13 ? 2  LEU C CA  1 
ATOM   116 C C   . LEU C 1 2 ? 5.277   6.321   -1.898  1.00 10.71 ? 2  LEU C C   1 
ATOM   117 O O   . LEU C 1 2 ? 5.731   5.343   -1.284  1.00 11.60 ? 2  LEU C O   1 
ATOM   118 C CB  . LEU C 1 2 ? 7.270   7.313   -2.985  1.00 10.99 ? 2  LEU C CB  1 
ATOM   119 C CG  . LEU C 1 2 ? 6.936   6.727   -4.365  1.00 10.45 ? 2  LEU C CG  1 
ATOM   120 C CD1 . LEU C 1 2 ? 6.237   7.773   -5.243  1.00 10.00 ? 2  LEU C CD1 1 
ATOM   121 C CD2 . LEU C 1 2 ? 8.191   6.194   -5.053  1.00 10.02 ? 2  LEU C CD2 1 
ATOM   122 N N   . VAL C 1 3 ? 4.099   6.316   -2.515  1.00 8.95  ? 3  VAL C N   1 
ATOM   123 C CA  . VAL C 1 3 ? 3.341   5.084   -2.740  1.00 8.90  ? 3  VAL C CA  1 
ATOM   124 C C   . VAL C 1 3 ? 3.005   4.975   -4.226  1.00 9.38  ? 3  VAL C C   1 
ATOM   125 O O   . VAL C 1 3 ? 2.458   5.908   -4.807  1.00 9.66  ? 3  VAL C O   1 
ATOM   126 C CB  . VAL C 1 3 ? 2.035   5.088   -1.927  1.00 9.20  ? 3  VAL C CB  1 
ATOM   127 C CG1 . VAL C 1 3 ? 1.318   3.748   -2.053  1.00 11.28 ? 3  VAL C CG1 1 
ATOM   128 C CG2 . VAL C 1 3 ? 2.332   5.415   -0.462  1.00 6.04  ? 3  VAL C CG2 1 
ATOM   129 N N   . PHE C 1 4 ? 3.344   3.834   -4.821  1.00 11.18 ? 4  PHE C N   1 
ATOM   130 C CA  . PHE C 1 4 ? 3.191   3.556   -6.268  1.00 12.40 ? 4  PHE C CA  1 
ATOM   131 C C   . PHE C 1 4 ? 2.580   2.167   -6.419  1.00 12.12 ? 4  PHE C C   1 
ATOM   132 O O   . PHE C 1 4 ? 3.173   1.191   -5.955  1.00 10.79 ? 4  PHE C O   1 
ATOM   133 C CB  . PHE C 1 4 ? 4.567   3.621   -6.983  1.00 11.55 ? 4  PHE C CB  1 
ATOM   134 C CG  . PHE C 1 4 ? 4.570   3.100   -8.409  1.00 11.86 ? 4  PHE C CG  1 
ATOM   135 C CD1 . PHE C 1 4 ? 3.529   3.412   -9.285  1.00 18.98 ? 4  PHE C CD1 1 
ATOM   136 C CD2 . PHE C 1 4 ? 5.636   2.345   -8.890  1.00 14.46 ? 4  PHE C CD2 1 
ATOM   137 C CE1 . PHE C 1 4 ? 3.529   2.951   -10.608 1.00 17.54 ? 4  PHE C CE1 1 
ATOM   138 C CE2 . PHE C 1 4 ? 5.649   1.879   -10.211 1.00 17.83 ? 4  PHE C CE2 1 
ATOM   139 C CZ  . PHE C 1 4 ? 4.592   2.187   -11.073 1.00 17.06 ? 4  PHE C CZ  1 
ATOM   140 N N   . PHE C 1 5 ? 1.395   2.088   -7.038  1.00 12.42 ? 5  PHE C N   1 
ATOM   141 C CA  . PHE C 1 5 ? 0.742   0.810   -7.378  1.00 14.30 ? 5  PHE C CA  1 
ATOM   142 C C   . PHE C 1 5 ? 0.654   0.705   -8.893  1.00 14.53 ? 5  PHE C C   1 
ATOM   143 O O   . PHE C 1 5 ? 0.075   1.584   -9.524  1.00 12.00 ? 5  PHE C O   1 
ATOM   144 C CB  . PHE C 1 5 ? -0.692  0.755   -6.836  1.00 14.35 ? 5  PHE C CB  1 
ATOM   145 C CG  . PHE C 1 5 ? -0.804  0.524   -5.361  1.00 16.94 ? 5  PHE C CG  1 
ATOM   146 C CD1 . PHE C 1 5 ? 0.170   0.936   -4.469  1.00 20.76 ? 5  PHE C CD1 1 
ATOM   147 C CD2 . PHE C 1 5 ? -1.928  -0.091  -4.859  1.00 25.20 ? 5  PHE C CD2 1 
ATOM   148 C CE1 . PHE C 1 5 ? 0.025   0.708   -3.106  1.00 25.34 ? 5  PHE C CE1 1 
ATOM   149 C CE2 . PHE C 1 5 ? -2.074  -0.318  -3.488  1.00 28.16 ? 5  PHE C CE2 1 
ATOM   150 C CZ  . PHE C 1 5 ? -1.100  0.081   -2.621  1.00 26.01 ? 5  PHE C CZ  1 
ATOM   151 N N   . ALA C 1 6 ? 1.199   -0.364  -9.472  1.00 15.55 ? 6  ALA C N   1 
ATOM   152 C CA  . ALA C 1 6 ? 1.186   -0.554  -10.935 1.00 17.57 ? 6  ALA C CA  1 
ATOM   153 C C   . ALA C 1 6 ? 0.634   -1.923  -11.351 1.00 19.47 ? 6  ALA C C   1 
ATOM   154 O O   . ALA C 1 6 ? 0.781   -2.932  -10.639 1.00 21.29 ? 6  ALA C O   1 
ATOM   155 C CB  . ALA C 1 6 ? 2.590   -0.377  -11.498 1.00 17.93 ? 6  ALA C CB  1 
ATOM   156 O OXT . ALA C 1 6 ? 0.022   -2.042  -12.422 1.00 20.57 ? 6  ALA C OXT 1 
ATOM   157 N N   . LYS D 1 1 ? 1.953   -4.696  -8.873  1.00 15.69 ? 1  LYS D N   1 
ATOM   158 C CA  . LYS D 1 1 ? 3.253   -4.179  -8.348  1.00 14.68 ? 1  LYS D CA  1 
ATOM   159 C C   . LYS D 1 1 ? 2.972   -3.133  -7.317  1.00 13.06 ? 1  LYS D C   1 
ATOM   160 O O   . LYS D 1 1 ? 2.138   -2.267  -7.548  1.00 11.09 ? 1  LYS D O   1 
ATOM   161 C CB  . LYS D 1 1 ? 4.066   -3.543  -9.472  1.00 15.52 ? 1  LYS D CB  1 
ATOM   162 C CG  . LYS D 1 1 ? 5.421   -3.001  -9.077  1.00 19.82 ? 1  LYS D CG  1 
ATOM   163 C CD  . LYS D 1 1 ? 6.209   -2.645  -10.319 1.00 23.85 ? 1  LYS D CD  1 
ATOM   164 C CE  . LYS D 1 1 ? 7.501   -3.424  -10.426 1.00 26.53 ? 1  LYS D CE  1 
ATOM   165 N NZ  . LYS D 1 1 ? 8.094   -3.300  -11.797 1.00 29.12 ? 1  LYS D NZ  1 
ATOM   166 N N   . LEU D 1 2 ? 3.682   -3.194  -6.192  1.00 12.33 ? 2  LEU D N   1 
ATOM   167 C CA  . LEU D 1 2 ? 3.576   -2.176  -5.133  1.00 11.86 ? 2  LEU D CA  1 
ATOM   168 C C   . LEU D 1 2 ? 4.958   -1.667  -4.725  1.00 10.38 ? 2  LEU D C   1 
ATOM   169 O O   . LEU D 1 2 ? 5.841   -2.473  -4.452  1.00 10.47 ? 2  LEU D O   1 
ATOM   170 C CB  . LEU D 1 2 ? 2.861   -2.768  -3.920  1.00 12.34 ? 2  LEU D CB  1 
ATOM   171 C CG  . LEU D 1 2 ? 2.627   -1.881  -2.706  1.00 14.82 ? 2  LEU D CG  1 
ATOM   172 C CD1 . LEU D 1 2 ? 1.448   -2.430  -1.884  1.00 17.79 ? 2  LEU D CD1 1 
ATOM   173 C CD2 . LEU D 1 2 ? 3.860   -1.839  -1.842  1.00 18.28 ? 2  LEU D CD2 1 
ATOM   174 N N   . VAL D 1 3 ? 5.137   -0.339  -4.684  1.00 9.81  ? 3  VAL D N   1 
ATOM   175 C CA  . VAL D 1 3 ? 6.380   0.284   -4.202  1.00 8.31  ? 3  VAL D CA  1 
ATOM   176 C C   . VAL D 1 3 ? 6.043   1.347   -3.164  1.00 8.98  ? 3  VAL D C   1 
ATOM   177 O O   . VAL D 1 3 ? 5.208   2.203   -3.405  1.00 7.44  ? 3  VAL D O   1 
ATOM   178 C CB  . VAL D 1 3 ? 7.196   0.893   -5.366  1.00 9.98  ? 3  VAL D CB  1 
ATOM   179 C CG1 . VAL D 1 3 ? 8.500   1.512   -4.864  1.00 8.03  ? 3  VAL D CG1 1 
ATOM   180 C CG2 . VAL D 1 3 ? 7.473   -0.172  -6.464  1.00 6.92  ? 3  VAL D CG2 1 
ATOM   181 N N   . PHE D 1 4 ? 6.655   1.227   -1.979  1.00 9.25  ? 4  PHE D N   1 
ATOM   182 C CA  . PHE D 1 4 ? 6.521   2.198   -0.879  1.00 9.33  ? 4  PHE D CA  1 
ATOM   183 C C   . PHE D 1 4 ? 7.907   2.634   -0.400  1.00 8.88  ? 4  PHE D C   1 
ATOM   184 O O   . PHE D 1 4 ? 8.801   1.810   -0.198  1.00 7.98  ? 4  PHE D O   1 
ATOM   185 C CB  . PHE D 1 4 ? 5.717   1.629   0.312   1.00 8.45  ? 4  PHE D CB  1 
ATOM   186 C CG  . PHE D 1 4 ? 5.827   2.454   1.576   1.00 8.55  ? 4  PHE D CG  1 
ATOM   187 C CD1 . PHE D 1 4 ? 4.983   3.533   1.804   1.00 8.62  ? 4  PHE D CD1 1 
ATOM   188 C CD2 . PHE D 1 4 ? 6.782   2.157   2.529   1.00 8.13  ? 4  PHE D CD2 1 
ATOM   189 C CE1 . PHE D 1 4 ? 5.100   4.289   2.984   1.00 9.38  ? 4  PHE D CE1 1 
ATOM   190 C CE2 . PHE D 1 4 ? 6.907   2.907   3.686   1.00 11.01 ? 4  PHE D CE2 1 
ATOM   191 C CZ  . PHE D 1 4 ? 6.070   3.966   3.916   1.00 9.91  ? 4  PHE D CZ  1 
ATOM   192 N N   . PHE D 1 5 ? 8.080   3.941   -0.235  1.00 9.26  ? 5  PHE D N   1 
ATOM   193 C CA  . PHE D 1 5 ? 9.305   4.486   0.347   1.00 11.02 ? 5  PHE D CA  1 
ATOM   194 C C   . PHE D 1 5 ? 9.043   5.722   1.201   1.00 11.59 ? 5  PHE D C   1 
ATOM   195 O O   . PHE D 1 5 ? 8.407   6.674   0.755   1.00 11.90 ? 5  PHE D O   1 
ATOM   196 C CB  . PHE D 1 5 ? 10.370  4.836   -0.704  1.00 10.79 ? 5  PHE D CB  1 
ATOM   197 C CG  . PHE D 1 5 ? 11.642  5.331   -0.076  1.00 14.40 ? 5  PHE D CG  1 
ATOM   198 C CD1 . PHE D 1 5 ? 12.604  4.430   0.342   1.00 18.36 ? 5  PHE D CD1 1 
ATOM   199 C CD2 . PHE D 1 5 ? 11.816  6.676   0.207   1.00 17.09 ? 5  PHE D CD2 1 
ATOM   200 C CE1 . PHE D 1 5 ? 13.751  4.863   0.986   1.00 21.89 ? 5  PHE D CE1 1 
ATOM   201 C CE2 . PHE D 1 5 ? 12.961  7.119   0.844   1.00 20.56 ? 5  PHE D CE2 1 
ATOM   202 C CZ  . PHE D 1 5 ? 13.929  6.216   1.229   1.00 21.09 ? 5  PHE D CZ  1 
ATOM   203 N N   . ALA D 1 6 ? 9.560   5.699   2.428   1.00 13.80 ? 6  ALA D N   1 
ATOM   204 C CA  . ALA D 1 6 ? 9.433   6.820   3.353   1.00 16.42 ? 6  ALA D CA  1 
ATOM   205 C C   . ALA D 1 6 ? 10.715  7.012   4.181   1.00 19.12 ? 6  ALA D C   1 
ATOM   206 O O   . ALA D 1 6 ? 11.407  6.039   4.504   1.00 20.34 ? 6  ALA D O   1 
ATOM   207 C CB  . ALA D 1 6 ? 8.258   6.594   4.266   1.00 15.64 ? 6  ALA D CB  1 
ATOM   208 O OXT . ALA D 1 6 ? 11.089  8.137   4.558   1.00 21.13 ? 6  ALA D OXT 1 
HETATM 209 C C1  . ORA E 2 . ? -3.327  4.352   0.122   1.00 16.36 ? 49 ORA B C1  1 
HETATM 210 N N1  . ORA E 2 . ? -0.044  2.452   1.871   1.00 16.83 ? 49 ORA B N1  1 
HETATM 211 O O1  . ORA E 2 . ? 6.134   2.676   7.855   1.00 39.53 ? 49 ORA B O1  1 
HETATM 212 S S1  . ORA E 2 . ? 4.684   2.569   8.121   1.00 35.98 ? 49 ORA B S1  1 
HETATM 213 C C2  . ORA E 2 . ? -2.912  4.710   1.404   1.00 16.06 ? 49 ORA B C2  1 
HETATM 214 N N2  . ORA E 2 . ? 0.961   2.978   2.356   1.00 21.60 ? 49 ORA B N2  1 
HETATM 215 O O2  . ORA E 2 . ? 1.675   5.206   3.504   1.00 21.50 ? 49 ORA B O2  1 
HETATM 216 S S2  . ORA E 2 . ? 1.408   4.612   4.824   1.00 25.05 ? 49 ORA B S2  1 
HETATM 217 C C3  . ORA E 2 . ? -2.647  3.374   -0.582  1.00 14.58 ? 49 ORA B C3  1 
HETATM 218 O O3  . ORA E 2 . ? 4.235   3.776   8.848   1.00 39.52 ? 49 ORA B O3  1 
HETATM 219 C C4  . ORA E 2 . ? 3.826   0.153   3.890   1.00 17.80 ? 49 ORA B C4  1 
HETATM 220 O O4  . ORA E 2 . ? 4.388   1.399   8.963   1.00 34.07 ? 49 ORA B O4  1 
HETATM 221 C C5  . ORA E 2 . ? -1.821  4.091   1.992   1.00 12.20 ? 49 ORA B C5  1 
HETATM 222 O O5  . ORA E 2 . ? -0.015  4.256   4.887   1.00 26.49 ? 49 ORA B O5  1 
HETATM 223 C C6  . ORA E 2 . ? -1.553  2.746   0.009   1.00 17.98 ? 49 ORA B C6  1 
HETATM 224 O O6  . ORA E 2 . ? 1.695   5.636   5.841   1.00 25.85 ? 49 ORA B O6  1 
HETATM 225 C C7  . ORA E 2 . ? 3.230   -0.047  2.663   1.00 18.63 ? 49 ORA B C7  1 
HETATM 226 O O7  . ORA E 2 . ? 1.753   0.625   0.951   1.00 25.99 ? 49 ORA B O7  1 
HETATM 227 C C8  . ORA E 2 . ? 4.178   1.361   5.886   1.00 24.85 ? 49 ORA B C8  1 
HETATM 228 C C9  . ORA E 2 . ? 3.049   3.419   6.315   1.00 26.37 ? 49 ORA B C9  1 
HETATM 229 C C10 . ORA E 2 . ? 3.516   1.263   4.663   1.00 20.98 ? 49 ORA B C10 1 
HETATM 230 C C11 . ORA E 2 . ? 2.601   2.244   4.238   1.00 19.95 ? 49 ORA B C11 1 
HETATM 231 C C12 . ORA E 2 . ? -1.128  3.117   1.287   1.00 16.56 ? 49 ORA B C12 1 
HETATM 232 C C13 . ORA E 2 . ? 1.934   2.074   2.931   1.00 17.22 ? 49 ORA B C13 1 
HETATM 233 C C14 . ORA E 2 . ? 2.312   0.858   2.173   1.00 21.24 ? 49 ORA B C14 1 
HETATM 234 C C15 . ORA E 2 . ? 3.939   2.439   6.717   1.00 30.05 ? 49 ORA B C15 1 
HETATM 235 C C16 . ORA E 2 . ? 2.369   3.348   5.101   1.00 24.11 ? 49 ORA B C16 1 
HETATM 236 C C1  . ORA F 2 . ? 11.965  -0.835  -5.799  1.00 19.60 ? 50 ORA D C1  1 
HETATM 237 N N1  . ORA F 2 . ? 10.328  1.868   -8.513  1.00 17.92 ? 50 ORA D N1  1 
HETATM 238 O O1  . ORA F 2 . ? 6.900   1.588   -16.243 1.00 37.19 ? 50 ORA D O1  1 
HETATM 239 S S1  . ORA F 2 . ? 6.207   2.250   -15.121 1.00 34.45 ? 50 ORA D S1  1 
HETATM 240 C C2  . ORA F 2 . ? 11.204  -1.292  -6.873  1.00 16.22 ? 50 ORA D C2  1 
HETATM 241 N N2  . ORA F 2 . ? 10.517  1.861   -9.738  1.00 20.81 ? 50 ORA D N2  1 
HETATM 242 O O2  . ORA F 2 . ? 10.726  0.014   -11.516 1.00 21.17 ? 50 ORA D O2  1 
HETATM 243 S S2  . ORA F 2 . ? 9.286   -0.051  -11.814 1.00 23.07 ? 50 ORA D S2  1 
HETATM 244 C C3  . ORA F 2 . ? 12.189  0.524   -5.630  1.00 15.75 ? 50 ORA D C3  1 
HETATM 245 O O3  . ORA F 2 . ? 5.042   1.431   -14.734 1.00 37.22 ? 50 ORA D O3  1 
HETATM 246 C C4  . ORA F 2 . ? 8.462   5.070   -11.704 1.00 16.91 ? 50 ORA D C4  1 
HETATM 247 O O4  . ORA F 2 . ? 5.705   3.579   -15.544 1.00 39.44 ? 50 ORA D O4  1 
HETATM 248 C C5  . ORA F 2 . ? 10.661  -0.397  -7.775  1.00 16.30 ? 50 ORA D C5  1 
HETATM 249 O O5  . ORA F 2 . ? 8.628   -0.560  -10.605 1.00 24.59 ? 50 ORA D O5  1 
HETATM 250 C C6  . ORA F 2 . ? 11.647  1.421   -6.538  1.00 18.40 ? 50 ORA D C6  1 
HETATM 251 O O6  . ORA F 2 . ? 9.135   -0.973  -12.949 1.00 22.54 ? 50 ORA D O6  1 
HETATM 252 C C7  . ORA F 2 . ? 9.271   5.318   -10.617 1.00 20.93 ? 50 ORA D C7  1 
HETATM 253 O O7  . ORA F 2 . ? 10.732  4.552   -8.929  1.00 29.85 ? 50 ORA D O7  1 
HETATM 254 C C8  . ORA F 2 . ? 7.429   3.663   -13.286 1.00 22.12 ? 50 ORA D C8  1 
HETATM 255 C C9  . ORA F 2 . ? 7.808   1.300   -13.334 1.00 23.98 ? 50 ORA D C9  1 
HETATM 256 C C10 . ORA F 2 . ? 8.281   3.783   -12.189 1.00 20.57 ? 50 ORA D C10 1 
HETATM 257 C C11 . ORA F 2 . ? 8.918   2.659   -11.631 1.00 19.21 ? 50 ORA D C11 1 
HETATM 258 C C12 . ORA F 2 . ? 10.894  0.963   -7.615  1.00 17.67 ? 50 ORA D C12 1 
HETATM 259 C C13 . ORA F 2 . ? 9.797   2.883   -10.466 1.00 19.08 ? 50 ORA D C13 1 
HETATM 260 C C14 . ORA F 2 . ? 9.931   4.279   -9.999  1.00 21.57 ? 50 ORA D C14 1 
HETATM 261 C C15 . ORA F 2 . ? 7.188   2.421   -13.864 1.00 29.21 ? 50 ORA D C15 1 
HETATM 262 C C16 . ORA F 2 . ? 8.668   1.381   -12.235 1.00 22.97 ? 50 ORA D C16 1 
HETATM 263 O O   . HOH G 3 . ? 1.203   0.613   13.469  1.00 22.30 ? 7  HOH A O   1 
HETATM 264 O O   . HOH H 3 . ? 1.332   5.341   10.112  1.00 27.52 ? 7  HOH B O   1 
HETATM 265 O O   . HOH H 3 . ? -7.663  7.436   13.447  1.00 17.78 ? 8  HOH B O   1 
HETATM 266 O O   . HOH H 3 . ? -8.825  9.234   14.956  1.00 30.34 ? 9  HOH B O   1 
HETATM 267 O O   . HOH H 3 . ? -7.938  4.894   11.309  1.00 22.65 ? 10 HOH B O   1 
HETATM 268 O O   . HOH H 3 . ? 4.710   6.805   8.062   1.00 23.16 ? 11 HOH B O   1 
HETATM 269 O O   . HOH H 3 . ? -6.337  1.254   13.400  1.00 22.89 ? 12 HOH B O   1 
HETATM 270 O O   . HOH H 3 . ? -5.480  3.112   15.778  1.00 24.46 ? 13 HOH B O   1 
HETATM 271 O O   . HOH H 3 . ? -8.045  2.211   11.180  1.00 24.91 ? 14 HOH B O   1 
HETATM 272 O O   . HOH I 3 . ? 7.626   -6.168  -12.346 1.00 31.96 ? 10 HOH C O   1 
HETATM 273 O O   . HOH J 3 . ? 9.848   9.629   -0.083  1.00 31.84 ? 7  HOH D O   1 
# 
